data_8GSI
#
_entry.id   8GSI
#
_cell.length_a   64.300
_cell.length_b   119.300
_cell.length_c   184.490
_cell.angle_alpha   90.000
_cell.angle_beta   90.000
_cell.angle_gamma   90.000
#
_symmetry.space_group_name_H-M   'C 2 2 21'
#
loop_
_entity.id
_entity.type
_entity.pdbx_description
1 polymer 'light chain'
2 polymer 'heavy chain'
3 polymer nanobody
4 water water
#
loop_
_entity_poly.entity_id
_entity_poly.type
_entity_poly.pdbx_seq_one_letter_code
_entity_poly.pdbx_strand_id
1 'polypeptide(L)'
;DIQMTQSPSSLSASVGDRVTITCRASQSIRRYLNWYHQKPGKAPKLLIYGASTLQSGVPSRFSGSGSGTDFTLTISSLQP
EDFAVYYCQQSHSAPLTFGGGTKVEIKRTVAAPSVFIFPPSDEQLKSGTASVVCLLNNFYPREAKVQWKVDNALQSGNSQ
ESVTEQDSKDSTYSLSSTLTLSKADYEKHKVYACEVTHQGLSSPVTKSFNRGEC
;
A
2 'polypeptide(L)'
;EVQLLESGGGLVQPGGSLRLSCAAASGFTFSSYDMSWVRQAPGKGLDWVSTISGGGTYTYYQDSVKGRFTISRDNSKNTL
YLQMNSLRAEDTAVYYCASMDYWGQGTTVTVSSASTKGPSVFPLAPSSKSTSGGTAALGCLVKDYFPEPVTVSWNSGALT
SGVHTFPAVLQSSGLYSLSSVVTVPSSSLGTQTYICNVNHKPSNTKVDKKVEPKSCDKTHHHHHH
;
B
3 'polypeptide(L)'
;MQVQLQESGGGLVQPGGSLRLSCAASGRTISSYAMSWFRQAPGKEREFVATARRSGDGAFYADSVQGRFTVSRDNAKNTV
YLQMNSLKPEDTAVYYCAIDSDTFYSGSYDYWGQGTQVTVSSLEHHHHHH
;
F
#
# COMPACT_ATOMS: atom_id res chain seq x y z
N ASP A 1 17.03 -23.81 -1.98
CA ASP A 1 16.16 -23.48 -0.85
C ASP A 1 14.72 -23.87 -1.16
N ILE A 2 13.89 -23.91 -0.13
CA ILE A 2 12.47 -24.18 -0.30
C ILE A 2 11.79 -22.84 -0.54
N GLN A 3 11.34 -22.62 -1.77
CA GLN A 3 10.61 -21.40 -2.10
C GLN A 3 9.18 -21.49 -1.59
N MET A 4 8.76 -20.48 -0.83
CA MET A 4 7.39 -20.35 -0.35
C MET A 4 6.70 -19.28 -1.18
N THR A 5 5.52 -19.61 -1.73
CA THR A 5 4.75 -18.65 -2.52
C THR A 5 3.34 -18.58 -1.95
N GLN A 6 2.87 -17.37 -1.74
CA GLN A 6 1.56 -17.13 -1.18
C GLN A 6 0.62 -16.57 -2.24
N SER A 7 -0.68 -16.83 -2.05
CA SER A 7 -1.69 -16.29 -2.93
C SER A 7 -2.94 -16.00 -2.13
N PRO A 8 -3.72 -15.00 -2.54
CA PRO A 8 -3.35 -13.88 -3.42
C PRO A 8 -2.41 -12.89 -2.70
N SER A 9 -1.72 -12.02 -3.44
CA SER A 9 -0.95 -10.94 -2.83
C SER A 9 -1.78 -10.15 -1.83
N SER A 10 -3.03 -9.88 -2.20
CA SER A 10 -3.91 -9.08 -1.36
C SER A 10 -5.33 -9.48 -1.66
N LEU A 11 -6.19 -9.27 -0.69
CA LEU A 11 -7.60 -9.52 -0.90
C LEU A 11 -8.38 -8.53 -0.06
N SER A 12 -9.54 -8.17 -0.56
CA SER A 12 -10.43 -7.19 0.07
C SER A 12 -11.59 -7.94 0.69
N ALA A 13 -11.87 -7.64 1.94
CA ALA A 13 -12.88 -8.39 2.67
C ALA A 13 -13.58 -7.46 3.65
N SER A 14 -14.71 -7.93 4.14
CA SER A 14 -15.53 -7.23 5.13
C SER A 14 -15.57 -8.04 6.41
N VAL A 15 -15.89 -7.37 7.51
CA VAL A 15 -16.12 -8.06 8.78
C VAL A 15 -17.16 -9.14 8.57
N GLY A 16 -16.88 -10.35 9.06
CA GLY A 16 -17.79 -11.46 8.91
C GLY A 16 -17.50 -12.36 7.74
N ASP A 17 -16.63 -11.97 6.82
CA ASP A 17 -16.34 -12.80 5.66
C ASP A 17 -15.58 -14.06 6.07
N ARG A 18 -15.74 -15.10 5.28
CA ARG A 18 -14.85 -16.26 5.34
C ARG A 18 -13.72 -16.02 4.36
N VAL A 19 -12.49 -16.06 4.87
CA VAL A 19 -11.30 -15.72 4.10
C VAL A 19 -10.40 -16.95 4.05
N THR A 20 -9.88 -17.25 2.86
CA THR A 20 -8.92 -18.32 2.67
C THR A 20 -7.66 -17.78 2.00
N ILE A 21 -6.50 -18.14 2.55
CA ILE A 21 -5.18 -17.76 2.05
C ILE A 21 -4.40 -19.04 1.78
N THR A 22 -3.63 -19.06 0.69
CA THR A 22 -2.90 -20.26 0.30
C THR A 22 -1.39 -20.04 0.26
N CYS A 23 -0.66 -21.13 0.52
CA CYS A 23 0.80 -21.16 0.59
C CYS A 23 1.31 -22.44 -0.07
N ARG A 24 2.25 -22.32 -1.00
CA ARG A 24 2.78 -23.50 -1.69
C ARG A 24 4.30 -23.51 -1.57
N ALA A 25 4.85 -24.69 -1.26
CA ALA A 25 6.28 -24.87 -1.14
C ALA A 25 6.81 -25.58 -2.38
N SER A 26 8.03 -25.21 -2.77
CA SER A 26 8.69 -25.92 -3.86
C SER A 26 8.83 -27.42 -3.57
N GLN A 27 9.46 -27.78 -2.45
CA GLN A 27 9.55 -29.16 -1.98
C GLN A 27 8.44 -29.51 -0.99
N SER A 28 8.40 -30.79 -0.59
CA SER A 28 7.45 -31.28 0.41
C SER A 28 8.04 -31.08 1.80
N ILE A 29 7.26 -30.47 2.69
CA ILE A 29 7.69 -29.93 3.98
C ILE A 29 6.93 -30.53 5.16
N ARG A 30 6.52 -31.79 5.08
CA ARG A 30 5.12 -32.20 5.07
C ARG A 30 4.20 -31.41 6.01
N ARG A 31 4.48 -31.27 7.30
CA ARG A 31 3.60 -30.39 8.08
C ARG A 31 4.35 -29.32 8.85
N TYR A 32 5.60 -29.07 8.49
CA TYR A 32 6.42 -28.09 9.19
C TYR A 32 6.13 -26.72 8.60
N LEU A 33 4.97 -26.18 8.94
CA LEU A 33 4.56 -24.90 8.38
C LEU A 33 3.87 -24.04 9.42
N ASN A 34 4.33 -22.79 9.55
CA ASN A 34 3.80 -21.82 10.49
C ASN A 34 3.04 -20.73 9.74
N TRP A 35 2.04 -20.15 10.40
CA TRP A 35 1.37 -18.96 9.89
C TRP A 35 1.52 -17.83 10.90
N TYR A 36 1.84 -16.63 10.38
CA TYR A 36 2.06 -15.43 11.19
C TYR A 36 1.14 -14.30 10.74
N HIS A 37 0.87 -13.40 11.67
CA HIS A 37 0.02 -12.23 11.51
C HIS A 37 0.85 -10.98 11.79
N GLN A 38 0.77 -9.93 10.97
CA GLN A 38 1.57 -8.73 11.28
C GLN A 38 0.84 -7.44 10.96
N LYS A 39 0.69 -6.59 11.95
CA LYS A 39 0.12 -5.27 11.75
C LYS A 39 1.25 -4.28 11.49
N PRO A 40 1.02 -3.26 10.67
CA PRO A 40 2.11 -2.30 10.36
C PRO A 40 2.74 -1.71 11.62
N GLY A 41 4.07 -1.68 11.63
CA GLY A 41 4.81 -1.18 12.77
C GLY A 41 4.87 -2.11 13.97
N LYS A 42 4.45 -3.36 13.85
CA LYS A 42 4.44 -4.28 14.99
C LYS A 42 5.14 -5.57 14.58
N ALA A 43 5.67 -6.27 15.57
CA ALA A 43 6.26 -7.58 15.36
C ALA A 43 5.19 -8.58 14.91
N PRO A 44 5.57 -9.57 14.09
CA PRO A 44 4.64 -10.64 13.72
C PRO A 44 4.25 -11.47 14.92
N LYS A 45 3.07 -12.10 14.82
CA LYS A 45 2.54 -12.97 15.87
C LYS A 45 2.17 -14.32 15.27
N LEU A 46 2.60 -15.39 15.94
CA LEU A 46 2.29 -16.73 15.45
C LEU A 46 0.81 -17.08 15.65
N LEU A 47 0.19 -17.57 14.60
CA LEU A 47 -1.18 -18.06 14.65
C LEU A 47 -1.27 -19.56 14.67
N ILE A 48 -0.46 -20.23 13.85
CA ILE A 48 -0.55 -21.67 13.68
C ILE A 48 0.85 -22.20 13.47
N TYR A 49 1.15 -23.32 14.16
CA TYR A 49 2.36 -24.10 13.95
C TYR A 49 1.95 -25.52 13.61
N GLY A 50 2.89 -26.25 13.00
CA GLY A 50 2.64 -27.63 12.54
C GLY A 50 1.49 -27.70 11.56
N ALA A 51 1.15 -26.54 11.00
CA ALA A 51 0.30 -26.23 9.85
C ALA A 51 -1.19 -26.44 10.13
N SER A 52 -1.52 -27.00 11.31
CA SER A 52 -2.88 -27.14 11.80
C SER A 52 -3.08 -26.70 13.23
N THR A 53 -2.02 -26.61 14.03
CA THR A 53 -2.18 -26.47 15.46
C THR A 53 -2.32 -24.99 15.81
N LEU A 54 -3.47 -24.67 16.42
CA LEU A 54 -3.74 -23.32 16.82
C LEU A 54 -2.81 -22.96 17.96
N GLN A 55 -2.35 -21.72 17.98
CA GLN A 55 -1.39 -21.38 19.01
C GLN A 55 -2.14 -20.74 20.17
N SER A 56 -1.61 -20.92 21.37
CA SER A 56 -2.32 -20.57 22.59
C SER A 56 -2.77 -19.11 22.55
N GLY A 57 -4.03 -18.86 22.89
CA GLY A 57 -4.56 -17.53 22.91
C GLY A 57 -5.06 -17.01 21.58
N VAL A 58 -4.74 -17.69 20.49
CA VAL A 58 -5.26 -17.29 19.17
C VAL A 58 -6.72 -17.70 19.07
N PRO A 59 -7.63 -16.79 18.68
CA PRO A 59 -9.04 -17.13 18.68
C PRO A 59 -9.35 -18.25 17.70
N SER A 60 -10.39 -19.02 18.02
CA SER A 60 -10.69 -20.24 17.28
C SER A 60 -11.17 -19.98 15.85
N ARG A 61 -11.45 -18.74 15.47
CA ARG A 61 -11.85 -18.52 14.07
C ARG A 61 -10.70 -18.75 13.09
N PHE A 62 -9.46 -18.89 13.57
CA PHE A 62 -8.32 -19.21 12.74
C PHE A 62 -8.11 -20.71 12.67
N SER A 63 -7.99 -21.25 11.45
CA SER A 63 -7.60 -22.64 11.30
C SER A 63 -6.66 -22.77 10.13
N GLY A 64 -5.81 -23.79 10.19
CA GLY A 64 -4.94 -24.12 9.08
C GLY A 64 -5.14 -25.57 8.69
N SER A 65 -4.92 -25.86 7.41
CA SER A 65 -4.97 -27.22 6.90
C SER A 65 -3.88 -27.42 5.85
N GLY A 66 -3.68 -28.67 5.48
CA GLY A 66 -2.73 -29.03 4.44
C GLY A 66 -1.59 -29.86 4.99
N SER A 67 -0.86 -30.44 4.04
CA SER A 67 0.37 -31.17 4.30
C SER A 67 1.05 -31.39 2.96
N GLY A 68 2.36 -31.64 3.00
CA GLY A 68 3.12 -31.82 1.79
C GLY A 68 3.61 -30.50 1.24
N THR A 69 2.95 -30.00 0.20
CA THR A 69 3.34 -28.75 -0.44
C THR A 69 2.24 -27.68 -0.49
N ASP A 70 0.98 -28.01 -0.19
CA ASP A 70 -0.13 -27.09 -0.33
C ASP A 70 -0.77 -26.84 1.02
N PHE A 71 -0.86 -25.57 1.42
CA PHE A 71 -1.33 -25.23 2.75
C PHE A 71 -2.33 -24.10 2.68
N THR A 72 -3.24 -24.09 3.65
CA THR A 72 -4.36 -23.16 3.65
C THR A 72 -4.51 -22.57 5.03
N LEU A 73 -4.72 -21.27 5.08
CA LEU A 73 -5.10 -20.55 6.29
C LEU A 73 -6.51 -20.02 6.08
N THR A 74 -7.41 -20.35 6.99
CA THR A 74 -8.81 -19.93 6.90
C THR A 74 -9.19 -19.10 8.11
N ILE A 75 -9.86 -17.97 7.88
CA ILE A 75 -10.49 -17.20 8.95
C ILE A 75 -11.99 -17.30 8.74
N SER A 76 -12.67 -17.91 9.71
CA SER A 76 -14.08 -18.28 9.53
C SER A 76 -15.02 -17.08 9.61
N SER A 77 -14.67 -16.05 10.39
CA SER A 77 -15.51 -14.86 10.44
C SER A 77 -14.59 -13.69 10.77
N LEU A 78 -14.26 -12.91 9.74
CA LEU A 78 -13.22 -11.89 9.88
C LEU A 78 -13.63 -10.82 10.87
N GLN A 79 -12.73 -10.49 11.77
CA GLN A 79 -12.91 -9.44 12.76
C GLN A 79 -11.98 -8.27 12.45
N PRO A 80 -12.28 -7.07 12.97
CA PRO A 80 -11.48 -5.91 12.61
C PRO A 80 -9.99 -6.06 12.88
N GLU A 81 -9.61 -6.79 13.94
CA GLU A 81 -8.19 -7.00 14.21
C GLU A 81 -7.51 -7.85 13.15
N ASP A 82 -8.28 -8.53 12.31
CA ASP A 82 -7.69 -9.47 11.38
C ASP A 82 -7.19 -8.83 10.10
N PHE A 83 -7.50 -7.55 9.85
CA PHE A 83 -6.95 -6.85 8.68
C PHE A 83 -5.47 -6.58 8.94
N ALA A 84 -4.61 -7.26 8.19
CA ALA A 84 -3.19 -7.35 8.51
C ALA A 84 -2.49 -8.03 7.34
N VAL A 85 -1.18 -8.20 7.45
CA VAL A 85 -0.43 -9.00 6.50
C VAL A 85 -0.13 -10.36 7.12
N TYR A 86 -0.34 -11.41 6.35
CA TYR A 86 -0.19 -12.79 6.79
C TYR A 86 0.99 -13.42 6.06
N TYR A 87 1.86 -14.09 6.81
CA TYR A 87 3.01 -14.78 6.24
C TYR A 87 2.95 -16.28 6.58
N CYS A 88 3.25 -17.11 5.60
CA CYS A 88 3.57 -18.50 5.89
C CYS A 88 5.09 -18.67 6.00
N GLN A 89 5.51 -19.71 6.74
CA GLN A 89 6.92 -19.93 7.00
C GLN A 89 7.15 -21.42 7.19
N GLN A 90 8.04 -22.01 6.39
CA GLN A 90 8.38 -23.41 6.56
C GLN A 90 9.46 -23.55 7.63
N SER A 91 9.22 -24.51 8.54
CA SER A 91 10.16 -24.86 9.61
C SER A 91 10.80 -26.22 9.35
N HIS A 92 10.80 -26.66 8.10
CA HIS A 92 11.26 -27.99 7.76
C HIS A 92 12.78 -28.09 7.78
N SER A 93 13.46 -27.18 7.10
CA SER A 93 14.91 -27.26 6.94
C SER A 93 15.49 -25.86 6.73
N ALA A 94 16.80 -25.72 7.00
CA ALA A 94 17.48 -24.46 6.74
C ALA A 94 17.83 -24.33 5.26
N PRO A 95 17.81 -23.10 4.72
CA PRO A 95 17.43 -21.84 5.37
C PRO A 95 15.94 -21.77 5.63
N LEU A 96 15.53 -21.23 6.77
CA LEU A 96 14.11 -20.99 7.03
C LEU A 96 13.60 -19.92 6.08
N THR A 97 12.47 -20.17 5.42
CA THR A 97 11.97 -19.25 4.42
C THR A 97 10.51 -18.92 4.68
N PHE A 98 10.17 -17.66 4.38
CA PHE A 98 8.84 -17.07 4.49
C PHE A 98 8.22 -16.93 3.10
N GLY A 99 6.90 -17.07 3.05
CA GLY A 99 6.17 -16.61 1.89
C GLY A 99 6.20 -15.09 1.81
N GLY A 100 5.79 -14.58 0.65
CA GLY A 100 5.90 -13.16 0.39
C GLY A 100 4.83 -12.29 1.02
N GLY A 101 3.84 -12.89 1.66
CA GLY A 101 2.83 -12.09 2.34
C GLY A 101 1.51 -12.03 1.59
N THR A 102 0.43 -11.91 2.36
CA THR A 102 -0.91 -11.67 1.84
C THR A 102 -1.52 -10.58 2.71
N LYS A 103 -1.82 -9.44 2.11
CA LYS A 103 -2.48 -8.33 2.78
C LYS A 103 -3.98 -8.57 2.74
N VAL A 104 -4.61 -8.58 3.90
CA VAL A 104 -6.07 -8.65 3.97
C VAL A 104 -6.53 -7.23 4.30
N GLU A 105 -7.19 -6.57 3.33
CA GLU A 105 -7.57 -5.17 3.47
C GLU A 105 -9.07 -5.03 3.52
N ILE A 106 -9.50 -3.85 3.95
CA ILE A 106 -10.92 -3.56 4.18
C ILE A 106 -11.59 -3.18 2.86
N LYS A 107 -12.64 -3.92 2.49
CA LYS A 107 -13.41 -3.55 1.31
C LYS A 107 -14.32 -2.37 1.60
N ARG A 108 -14.50 -1.52 0.60
CA ARG A 108 -15.46 -0.42 0.69
C ARG A 108 -15.91 -0.07 -0.72
N THR A 109 -16.75 0.96 -0.82
CA THR A 109 -17.19 1.38 -2.14
C THR A 109 -16.06 2.09 -2.90
N VAL A 110 -16.21 2.11 -4.22
CA VAL A 110 -15.22 2.70 -5.11
C VAL A 110 -15.22 4.22 -4.94
N ALA A 111 -14.03 4.80 -4.85
CA ALA A 111 -13.83 6.25 -4.83
C ALA A 111 -12.71 6.59 -5.79
N ALA A 112 -13.02 7.38 -6.82
CA ALA A 112 -11.99 7.81 -7.72
C ALA A 112 -11.09 8.83 -7.02
N PRO A 113 -9.82 8.92 -7.38
CA PRO A 113 -8.96 9.90 -6.70
C PRO A 113 -9.30 11.33 -7.13
N SER A 114 -9.18 12.27 -6.18
CA SER A 114 -9.03 13.69 -6.53
C SER A 114 -7.56 13.98 -6.74
N VAL A 115 -7.23 14.63 -7.85
CA VAL A 115 -5.84 14.82 -8.28
C VAL A 115 -5.44 16.29 -8.12
N PHE A 116 -4.26 16.51 -7.57
CA PHE A 116 -3.74 17.86 -7.36
C PHE A 116 -2.30 17.87 -7.82
N ILE A 117 -1.85 18.97 -8.43
CA ILE A 117 -0.46 19.07 -8.87
C ILE A 117 0.14 20.32 -8.26
N PHE A 118 1.38 20.19 -7.77
CA PHE A 118 2.12 21.24 -7.07
C PHE A 118 3.42 21.56 -7.80
N PRO A 119 3.68 22.82 -8.14
CA PRO A 119 4.97 23.16 -8.75
C PRO A 119 6.06 23.15 -7.71
N PRO A 120 7.32 23.06 -8.14
CA PRO A 120 8.45 23.30 -7.23
C PRO A 120 8.34 24.69 -6.60
N SER A 121 8.86 24.83 -5.40
CA SER A 121 8.85 26.12 -4.74
C SER A 121 9.99 26.96 -5.28
N ASP A 122 9.84 28.29 -5.23
CA ASP A 122 10.94 29.13 -5.68
C ASP A 122 12.18 28.91 -4.82
N GLU A 123 12.01 28.65 -3.52
CA GLU A 123 13.19 28.44 -2.68
C GLU A 123 13.97 27.22 -3.11
N GLN A 124 13.28 26.11 -3.40
CA GLN A 124 13.98 24.92 -3.85
C GLN A 124 14.69 25.17 -5.18
N LEU A 125 14.03 25.86 -6.11
CA LEU A 125 14.61 26.11 -7.41
C LEU A 125 15.98 26.76 -7.30
N LYS A 126 16.11 27.78 -6.44
CA LYS A 126 17.41 28.45 -6.32
C LYS A 126 18.51 27.47 -5.98
N SER A 127 18.17 26.38 -5.25
CA SER A 127 19.14 25.37 -4.84
C SER A 127 19.66 24.54 -6.00
N GLY A 128 18.97 24.54 -7.15
CA GLY A 128 19.39 23.75 -8.29
C GLY A 128 18.56 22.51 -8.60
N THR A 129 17.49 22.23 -7.84
CA THR A 129 16.68 21.04 -8.06
C THR A 129 15.21 21.43 -8.09
N ALA A 130 14.44 20.72 -8.91
CA ALA A 130 13.00 20.95 -8.99
C ALA A 130 12.27 19.65 -8.68
N SER A 131 11.45 19.65 -7.62
CA SER A 131 10.53 18.55 -7.34
C SER A 131 9.11 19.00 -7.66
N VAL A 132 8.47 18.28 -8.57
CA VAL A 132 7.08 18.51 -8.93
C VAL A 132 6.28 17.38 -8.32
N VAL A 133 5.22 17.70 -7.60
CA VAL A 133 4.49 16.69 -6.83
C VAL A 133 3.08 16.57 -7.39
N CYS A 134 2.62 15.33 -7.56
CA CYS A 134 1.25 15.02 -7.92
C CYS A 134 0.61 14.18 -6.81
N LEU A 135 -0.59 14.58 -6.38
CA LEU A 135 -1.28 13.89 -5.29
C LEU A 135 -2.54 13.24 -5.84
N LEU A 136 -2.70 11.94 -5.58
CA LEU A 136 -3.96 11.24 -5.80
C LEU A 136 -4.54 11.04 -4.41
N ASN A 137 -5.66 11.68 -4.11
CA ASN A 137 -6.17 11.69 -2.74
C ASN A 137 -7.43 10.85 -2.60
N ASN A 138 -7.45 10.02 -1.56
CA ASN A 138 -8.68 9.42 -1.01
C ASN A 138 -9.39 8.52 -2.03
N PHE A 139 -8.66 7.54 -2.56
CA PHE A 139 -9.22 6.67 -3.57
C PHE A 139 -9.31 5.22 -3.10
N TYR A 140 -10.16 4.46 -3.78
CA TYR A 140 -10.35 3.05 -3.51
C TYR A 140 -11.00 2.43 -4.73
N PRO A 141 -10.55 1.27 -5.19
CA PRO A 141 -9.45 0.47 -4.62
C PRO A 141 -8.06 1.01 -4.93
N ARG A 142 -7.07 0.20 -4.55
CA ARG A 142 -5.68 0.64 -4.49
C ARG A 142 -5.07 0.84 -5.88
N GLU A 143 -5.47 0.04 -6.87
CA GLU A 143 -4.79 0.07 -8.16
C GLU A 143 -4.99 1.42 -8.85
N ALA A 144 -3.91 2.00 -9.36
CA ALA A 144 -3.97 3.30 -10.03
C ALA A 144 -2.73 3.46 -10.90
N LYS A 145 -2.82 4.34 -11.89
CA LYS A 145 -1.68 4.64 -12.73
C LYS A 145 -1.53 6.15 -12.83
N VAL A 146 -0.31 6.65 -12.61
CA VAL A 146 -0.01 8.07 -12.72
C VAL A 146 1.18 8.21 -13.66
N GLN A 147 1.03 9.00 -14.71
CA GLN A 147 2.09 9.24 -15.68
C GLN A 147 2.43 10.72 -15.70
N TRP A 148 3.71 11.04 -15.90
CA TRP A 148 4.17 12.41 -16.08
C TRP A 148 4.37 12.74 -17.56
N LYS A 149 3.92 13.92 -17.96
CA LYS A 149 4.16 14.43 -19.30
C LYS A 149 4.72 15.83 -19.19
N VAL A 150 5.91 16.06 -19.76
CA VAL A 150 6.56 17.36 -19.80
C VAL A 150 6.63 17.79 -21.26
N ASP A 151 5.95 18.90 -21.59
CA ASP A 151 5.74 19.31 -22.98
C ASP A 151 5.27 18.12 -23.82
N ASN A 152 4.38 17.32 -23.23
CA ASN A 152 3.73 16.15 -23.81
C ASN A 152 4.65 14.95 -23.98
N ALA A 153 5.90 15.01 -23.52
CA ALA A 153 6.80 13.87 -23.60
C ALA A 153 6.68 13.04 -22.32
N LEU A 154 6.34 11.76 -22.48
CA LEU A 154 6.17 10.87 -21.33
C LEU A 154 7.50 10.64 -20.63
N GLN A 155 7.52 10.83 -19.32
CA GLN A 155 8.75 10.69 -18.54
C GLN A 155 8.93 9.25 -18.07
N SER A 156 10.18 8.87 -17.88
CA SER A 156 10.51 7.56 -17.38
C SER A 156 11.76 7.67 -16.53
N GLY A 157 11.77 7.00 -15.39
CA GLY A 157 12.96 6.87 -14.58
C GLY A 157 13.30 8.03 -13.67
N ASN A 158 12.50 9.10 -13.65
CA ASN A 158 12.80 10.28 -12.86
C ASN A 158 11.69 10.62 -11.87
N SER A 159 10.90 9.62 -11.47
CA SER A 159 9.84 9.83 -10.52
C SER A 159 9.83 8.69 -9.50
N GLN A 160 9.36 9.00 -8.28
CA GLN A 160 9.13 8.01 -7.24
C GLN A 160 7.71 8.18 -6.70
N GLU A 161 7.10 7.05 -6.34
CA GLU A 161 5.72 7.04 -5.90
C GLU A 161 5.63 6.51 -4.47
N SER A 162 4.68 7.03 -3.70
CA SER A 162 4.59 6.59 -2.32
C SER A 162 3.11 6.57 -1.94
N VAL A 163 2.73 5.63 -1.07
CA VAL A 163 1.32 5.32 -0.80
C VAL A 163 1.08 5.19 0.70
N THR A 164 -0.05 5.70 1.17
CA THR A 164 -0.43 5.57 2.57
C THR A 164 -1.05 4.20 2.83
N GLU A 165 -1.12 3.82 4.10
CA GLU A 165 -1.99 2.72 4.49
C GLU A 165 -3.44 3.15 4.40
N GLN A 166 -4.34 2.16 4.35
CA GLN A 166 -5.76 2.47 4.35
C GLN A 166 -6.09 3.42 5.49
N ASP A 167 -6.80 4.49 5.18
CA ASP A 167 -7.13 5.49 6.18
C ASP A 167 -7.96 4.91 7.33
N SER A 168 -7.61 5.30 8.56
CA SER A 168 -8.26 4.73 9.73
C SER A 168 -9.75 5.05 9.78
N LYS A 169 -10.20 6.12 9.12
CA LYS A 169 -11.61 6.50 9.19
C LYS A 169 -12.41 6.11 7.94
N ASP A 170 -11.90 6.32 6.73
CA ASP A 170 -12.70 6.05 5.54
C ASP A 170 -12.15 4.92 4.66
N SER A 171 -11.07 4.26 5.06
CA SER A 171 -10.51 3.09 4.38
C SER A 171 -10.03 3.39 2.95
N THR A 172 -9.76 4.64 2.63
CA THR A 172 -9.19 5.00 1.33
C THR A 172 -7.66 5.05 1.38
N TYR A 173 -7.09 5.16 0.19
CA TYR A 173 -5.65 5.32 0.01
C TYR A 173 -5.37 6.72 -0.52
N SER A 174 -4.15 7.18 -0.29
CA SER A 174 -3.65 8.34 -1.01
C SER A 174 -2.26 8.01 -1.50
N LEU A 175 -1.84 8.72 -2.55
CA LEU A 175 -0.60 8.37 -3.24
C LEU A 175 0.04 9.64 -3.75
N SER A 176 1.36 9.74 -3.58
CA SER A 176 2.15 10.85 -4.11
C SER A 176 3.08 10.33 -5.20
N SER A 177 3.25 11.13 -6.26
CA SER A 177 4.24 10.87 -7.30
C SER A 177 5.10 12.13 -7.41
N THR A 178 6.42 11.99 -7.27
CA THR A 178 7.33 13.11 -7.24
C THR A 178 8.27 13.03 -8.43
N LEU A 179 8.23 14.05 -9.29
CA LEU A 179 9.11 14.16 -10.44
C LEU A 179 10.25 15.10 -10.08
N THR A 180 11.49 14.64 -10.26
CA THR A 180 12.67 15.39 -9.85
C THR A 180 13.55 15.70 -11.06
N LEU A 181 13.85 16.99 -11.27
CA LEU A 181 14.70 17.41 -12.37
C LEU A 181 15.72 18.42 -11.86
N SER A 182 16.81 18.60 -12.62
CA SER A 182 17.68 19.72 -12.36
C SER A 182 16.96 21.02 -12.67
N LYS A 183 17.44 22.10 -12.04
CA LYS A 183 16.93 23.43 -12.35
C LYS A 183 17.00 23.70 -13.84
N ALA A 184 18.15 23.40 -14.45
CA ALA A 184 18.33 23.68 -15.87
C ALA A 184 17.32 22.92 -16.72
N ASP A 185 17.09 21.65 -16.41
CA ASP A 185 16.09 20.89 -17.16
C ASP A 185 14.69 21.46 -16.94
N TYR A 186 14.34 21.75 -15.70
CA TYR A 186 13.00 22.25 -15.39
C TYR A 186 12.65 23.51 -16.18
N GLU A 187 13.62 24.43 -16.30
CA GLU A 187 13.39 25.74 -16.90
C GLU A 187 13.32 25.70 -18.42
N LYS A 188 13.61 24.55 -19.04
CA LYS A 188 13.42 24.40 -20.48
C LYS A 188 11.94 24.31 -20.87
N HIS A 189 11.09 23.83 -19.98
CA HIS A 189 9.80 23.32 -20.41
C HIS A 189 8.68 24.15 -19.82
N LYS A 190 7.55 24.16 -20.52
CA LYS A 190 6.39 24.96 -20.13
C LYS A 190 5.37 24.14 -19.34
N VAL A 191 4.90 23.04 -19.92
CA VAL A 191 3.71 22.38 -19.40
C VAL A 191 4.13 21.14 -18.64
N TYR A 192 3.77 21.12 -17.35
CA TYR A 192 4.00 19.98 -16.48
C TYR A 192 2.64 19.38 -16.15
N ALA A 193 2.45 18.11 -16.49
CA ALA A 193 1.15 17.46 -16.44
C ALA A 193 1.25 16.11 -15.76
N CYS A 194 0.27 15.84 -14.89
CA CYS A 194 0.11 14.59 -14.19
C CYS A 194 -1.14 13.92 -14.74
N GLU A 195 -1.02 12.70 -15.26
CA GLU A 195 -2.16 12.00 -15.87
C GLU A 195 -2.47 10.74 -15.08
N VAL A 196 -3.74 10.54 -14.74
CA VAL A 196 -4.14 9.57 -13.72
C VAL A 196 -5.28 8.71 -14.24
N THR A 197 -5.16 7.39 -14.06
CA THR A 197 -6.25 6.48 -14.31
C THR A 197 -6.53 5.64 -13.08
N HIS A 198 -7.79 5.21 -12.97
CA HIS A 198 -8.30 4.47 -11.84
C HIS A 198 -9.60 3.83 -12.30
N GLN A 199 -9.95 2.67 -11.72
CA GLN A 199 -11.13 1.98 -12.21
C GLN A 199 -12.40 2.77 -11.96
N GLY A 200 -12.39 3.70 -11.00
CA GLY A 200 -13.51 4.60 -10.81
C GLY A 200 -13.61 5.79 -11.76
N LEU A 201 -12.65 5.98 -12.66
CA LEU A 201 -12.62 7.12 -13.58
C LEU A 201 -13.03 6.66 -14.97
N SER A 202 -13.99 7.37 -15.60
CA SER A 202 -14.43 6.98 -16.93
C SER A 202 -13.38 7.30 -17.99
N SER A 203 -12.57 8.33 -17.77
CA SER A 203 -11.45 8.65 -18.64
C SER A 203 -10.33 9.24 -17.79
N PRO A 204 -9.08 9.24 -18.29
CA PRO A 204 -7.96 9.69 -17.46
C PRO A 204 -8.12 11.14 -17.03
N VAL A 205 -7.69 11.43 -15.79
CA VAL A 205 -7.73 12.78 -15.23
C VAL A 205 -6.34 13.37 -15.39
N THR A 206 -6.28 14.57 -15.95
CA THR A 206 -5.03 15.31 -16.12
C THR A 206 -5.09 16.59 -15.30
N LYS A 207 -4.06 16.84 -14.49
CA LYS A 207 -3.81 18.12 -13.83
C LYS A 207 -2.46 18.65 -14.30
N SER A 208 -2.39 19.96 -14.55
CA SER A 208 -1.17 20.53 -15.11
C SER A 208 -1.02 21.98 -14.65
N PHE A 209 0.22 22.48 -14.79
CA PHE A 209 0.51 23.90 -14.69
C PHE A 209 1.52 24.26 -15.79
N ASN A 210 1.60 25.57 -16.07
CA ASN A 210 2.55 26.14 -17.01
C ASN A 210 3.63 26.82 -16.19
N ARG A 211 4.86 26.28 -16.22
CA ARG A 211 5.98 26.91 -15.55
C ARG A 211 6.18 28.31 -16.11
N GLY A 212 6.35 29.31 -15.24
CA GLY A 212 6.58 30.67 -15.69
C GLY A 212 5.33 31.52 -15.82
N GLU A 213 4.16 30.92 -15.68
CA GLU A 213 2.89 31.63 -15.57
C GLU A 213 2.39 31.51 -14.14
N CYS A 214 1.37 32.29 -13.81
CA CYS A 214 0.82 32.19 -12.46
C CYS A 214 0.10 30.85 -12.23
N VAL B 2 6.37 -7.43 28.12
CA VAL B 2 7.38 -7.52 27.06
C VAL B 2 8.39 -8.59 27.42
N GLN B 3 8.49 -9.64 26.60
CA GLN B 3 9.28 -10.81 26.96
C GLN B 3 10.68 -10.82 26.38
N LEU B 4 10.89 -10.19 25.22
CA LEU B 4 12.19 -10.03 24.60
C LEU B 4 12.38 -8.56 24.26
N LEU B 5 13.61 -8.06 24.47
CA LEU B 5 13.92 -6.66 24.18
C LEU B 5 15.29 -6.60 23.52
N GLU B 6 15.32 -6.08 22.30
CA GLU B 6 16.52 -5.92 21.50
C GLU B 6 17.19 -4.59 21.83
N SER B 7 18.51 -4.54 21.60
CA SER B 7 19.25 -3.29 21.65
C SER B 7 20.54 -3.48 20.86
N GLY B 8 21.29 -2.39 20.72
CA GLY B 8 22.57 -2.38 20.03
C GLY B 8 22.51 -2.07 18.55
N GLY B 9 21.36 -1.65 18.02
CA GLY B 9 21.22 -1.27 16.63
C GLY B 9 21.71 0.14 16.33
N GLY B 10 21.06 0.79 15.37
CA GLY B 10 21.35 2.19 15.11
C GLY B 10 22.21 2.39 13.88
N LEU B 11 22.87 3.55 13.83
CA LEU B 11 23.63 3.99 12.67
C LEU B 11 25.00 3.33 12.58
N VAL B 12 25.39 2.95 11.37
CA VAL B 12 26.74 2.44 11.09
C VAL B 12 27.05 2.71 9.62
N GLN B 13 28.34 2.76 9.29
CA GLN B 13 28.73 2.94 7.89
C GLN B 13 29.03 1.60 7.24
N PRO B 14 28.94 1.53 5.91
CA PRO B 14 29.30 0.28 5.22
C PRO B 14 30.71 -0.17 5.59
N GLY B 15 30.85 -1.47 5.86
CA GLY B 15 32.10 -2.01 6.35
C GLY B 15 32.23 -2.03 7.86
N GLY B 16 31.30 -1.42 8.59
CA GLY B 16 31.39 -1.36 10.03
C GLY B 16 30.76 -2.59 10.70
N SER B 17 30.74 -2.55 12.04
CA SER B 17 30.23 -3.65 12.86
C SER B 17 29.24 -3.09 13.85
N LEU B 18 28.26 -3.93 14.19
CA LEU B 18 27.33 -3.70 15.30
C LEU B 18 27.21 -5.01 16.06
N ARG B 19 26.93 -4.92 17.36
CA ARG B 19 26.57 -6.12 18.10
C ARG B 19 25.16 -5.94 18.65
N LEU B 20 24.23 -6.77 18.17
CA LEU B 20 22.88 -6.76 18.69
C LEU B 20 22.80 -7.67 19.90
N SER B 21 21.96 -7.30 20.85
CA SER B 21 21.71 -8.19 21.99
C SER B 21 20.23 -8.16 22.32
N CYS B 22 19.77 -9.25 22.92
CA CYS B 22 18.36 -9.43 23.20
C CYS B 22 18.22 -10.06 24.56
N ALA B 23 17.48 -9.40 25.45
CA ALA B 23 17.31 -9.86 26.83
C ALA B 23 15.92 -10.43 26.98
N ALA B 24 15.81 -11.64 27.55
CA ALA B 24 14.53 -12.28 27.80
C ALA B 24 14.08 -12.01 29.23
N ALA B 25 12.78 -11.83 29.41
CA ALA B 25 12.23 -11.71 30.76
C ALA B 25 12.40 -13.02 31.53
N SER B 26 12.27 -12.93 32.86
CA SER B 26 12.60 -14.06 33.74
C SER B 26 11.76 -15.30 33.47
N GLY B 27 10.45 -15.13 33.28
CA GLY B 27 9.60 -16.29 33.14
C GLY B 27 9.44 -16.79 31.71
N PHE B 28 10.36 -16.40 30.82
CA PHE B 28 10.23 -16.74 29.41
C PHE B 28 10.68 -18.16 29.07
N THR B 29 11.41 -18.84 29.96
CA THR B 29 12.02 -20.15 29.66
C THR B 29 12.86 -20.07 28.38
N PHE B 30 13.76 -19.09 28.37
CA PHE B 30 14.62 -18.82 27.23
C PHE B 30 15.49 -20.04 26.88
N SER B 31 15.96 -20.77 27.89
CA SER B 31 16.87 -21.89 27.67
C SER B 31 16.28 -23.00 26.79
N SER B 32 14.96 -23.20 26.85
CA SER B 32 14.27 -24.26 26.10
C SER B 32 14.04 -23.92 24.63
N TYR B 33 14.25 -22.69 24.22
CA TYR B 33 13.85 -22.25 22.88
C TYR B 33 15.06 -22.23 21.95
N ASP B 34 14.90 -22.79 20.76
CA ASP B 34 15.72 -22.33 19.65
C ASP B 34 15.40 -20.85 19.44
N MET B 35 16.43 -20.01 19.33
CA MET B 35 16.25 -18.57 19.25
C MET B 35 16.81 -18.06 17.93
N SER B 36 16.18 -17.01 17.38
CA SER B 36 16.44 -16.55 16.02
C SER B 36 16.48 -15.01 15.94
N TRP B 37 17.20 -14.52 14.94
CA TRP B 37 17.06 -13.16 14.43
C TRP B 37 16.40 -13.23 13.07
N VAL B 38 15.38 -12.41 12.88
CA VAL B 38 14.69 -12.24 11.61
C VAL B 38 14.65 -10.74 11.32
N ARG B 39 14.83 -10.36 10.06
CA ARG B 39 14.89 -8.94 9.73
C ARG B 39 13.83 -8.58 8.69
N GLN B 40 13.47 -7.30 8.68
CA GLN B 40 12.48 -6.80 7.75
C GLN B 40 12.95 -5.45 7.25
N ALA B 41 13.25 -5.38 5.96
CA ALA B 41 13.66 -4.14 5.31
C ALA B 41 12.44 -3.27 5.03
N PRO B 42 12.64 -1.97 4.88
CA PRO B 42 11.49 -1.08 4.68
C PRO B 42 10.66 -1.49 3.47
N GLY B 43 9.36 -1.62 3.68
CA GLY B 43 8.47 -2.00 2.60
C GLY B 43 8.52 -3.46 2.20
N LYS B 44 9.26 -4.32 2.89
CA LYS B 44 9.47 -5.70 2.43
C LYS B 44 8.94 -6.68 3.48
N GLY B 45 9.07 -7.97 3.16
CA GLY B 45 8.62 -9.04 4.02
C GLY B 45 9.68 -9.48 4.99
N LEU B 46 9.39 -10.61 5.64
CA LEU B 46 10.23 -11.16 6.71
C LEU B 46 11.36 -12.00 6.13
N ASP B 47 12.55 -11.82 6.68
CA ASP B 47 13.78 -12.34 6.11
C ASP B 47 14.57 -12.97 7.25
N TRP B 48 14.71 -14.30 7.23
CA TRP B 48 15.38 -15.01 8.30
C TRP B 48 16.89 -14.79 8.26
N VAL B 49 17.49 -14.47 9.39
CA VAL B 49 18.93 -14.21 9.47
C VAL B 49 19.69 -15.41 10.04
N SER B 50 19.26 -15.92 11.19
CA SER B 50 20.08 -16.88 11.91
C SER B 50 19.26 -17.54 13.00
N THR B 51 19.60 -18.78 13.31
CA THR B 51 19.00 -19.51 14.42
C THR B 51 20.09 -20.24 15.19
N ILE B 52 19.96 -20.29 16.51
CA ILE B 52 20.83 -21.05 17.39
C ILE B 52 19.99 -22.02 18.21
N SER B 53 20.49 -23.24 18.42
CA SER B 53 19.70 -24.21 19.18
C SER B 53 19.67 -23.87 20.67
N GLY B 54 18.72 -24.47 21.39
CA GLY B 54 18.45 -24.05 22.76
C GLY B 54 19.66 -24.18 23.67
N GLY B 55 20.41 -25.27 23.51
CA GLY B 55 21.62 -25.50 24.29
C GLY B 55 22.86 -24.95 23.63
N GLY B 56 22.72 -24.33 22.47
CA GLY B 56 23.83 -23.65 21.82
C GLY B 56 24.72 -24.51 20.95
N THR B 57 24.45 -25.80 20.82
CA THR B 57 25.33 -26.67 20.05
C THR B 57 25.40 -26.26 18.57
N TYR B 58 24.27 -25.81 17.99
CA TYR B 58 24.16 -25.67 16.55
C TYR B 58 23.71 -24.28 16.19
N THR B 59 24.37 -23.70 15.19
CA THR B 59 24.01 -22.41 14.63
C THR B 59 23.76 -22.57 13.13
N TYR B 60 22.85 -21.75 12.61
CA TYR B 60 22.39 -21.80 11.23
C TYR B 60 22.31 -20.38 10.69
N TYR B 61 22.73 -20.16 9.45
CA TYR B 61 22.79 -18.81 8.88
C TYR B 61 22.22 -18.76 7.47
N GLN B 62 21.57 -17.64 7.14
CA GLN B 62 21.24 -17.38 5.74
C GLN B 62 22.53 -17.15 4.97
N ASP B 63 22.57 -17.60 3.72
CA ASP B 63 23.80 -17.54 2.94
C ASP B 63 24.37 -16.13 2.87
N SER B 64 23.51 -15.12 2.76
CA SER B 64 24.05 -13.78 2.52
C SER B 64 24.63 -13.14 3.76
N VAL B 65 24.52 -13.77 4.94
CA VAL B 65 25.20 -13.28 6.13
C VAL B 65 26.22 -14.27 6.67
N LYS B 66 26.37 -15.44 6.04
CA LYS B 66 27.34 -16.44 6.51
C LYS B 66 28.74 -15.86 6.53
N GLY B 67 29.47 -16.11 7.61
CA GLY B 67 30.82 -15.59 7.75
C GLY B 67 30.92 -14.13 8.12
N ARG B 68 29.84 -13.35 7.99
CA ARG B 68 29.80 -11.95 8.41
C ARG B 68 29.13 -11.77 9.77
N PHE B 69 28.07 -12.54 10.02
CA PHE B 69 27.28 -12.50 11.23
C PHE B 69 27.56 -13.74 12.07
N THR B 70 27.51 -13.58 13.39
CA THR B 70 27.69 -14.71 14.32
C THR B 70 26.62 -14.62 15.39
N ILE B 71 25.79 -15.64 15.49
CA ILE B 71 24.78 -15.71 16.55
C ILE B 71 25.39 -16.43 17.74
N SER B 72 25.02 -16.02 18.93
CA SER B 72 25.47 -16.70 20.14
C SER B 72 24.44 -16.42 21.22
N ARG B 73 24.56 -17.15 22.33
CA ARG B 73 23.61 -16.99 23.43
C ARG B 73 24.32 -17.27 24.74
N ASP B 74 23.76 -16.71 25.81
CA ASP B 74 24.21 -16.91 27.19
C ASP B 74 22.97 -17.30 27.98
N ASN B 75 22.80 -18.59 28.25
CA ASN B 75 21.57 -19.02 28.88
C ASN B 75 21.51 -18.61 30.34
N SER B 76 22.65 -18.45 30.99
CA SER B 76 22.61 -18.02 32.38
C SER B 76 22.14 -16.59 32.51
N LYS B 77 22.36 -15.76 31.48
CA LYS B 77 21.91 -14.38 31.48
C LYS B 77 20.64 -14.17 30.67
N ASN B 78 20.06 -15.25 30.12
CA ASN B 78 18.90 -15.18 29.23
C ASN B 78 19.08 -14.16 28.13
N THR B 79 20.22 -14.21 27.42
CA THR B 79 20.52 -13.22 26.39
C THR B 79 20.97 -13.87 25.08
N LEU B 80 20.52 -13.29 23.98
CA LEU B 80 20.92 -13.69 22.64
C LEU B 80 21.74 -12.57 22.03
N TYR B 81 22.76 -12.91 21.26
CA TYR B 81 23.59 -11.92 20.59
C TYR B 81 23.61 -12.15 19.08
N LEU B 82 23.88 -11.07 18.34
CA LEU B 82 24.19 -11.15 16.92
C LEU B 82 25.33 -10.18 16.64
N GLN B 83 26.52 -10.71 16.42
CA GLN B 83 27.67 -9.91 15.99
C GLN B 83 27.62 -9.75 14.47
N MET B 84 27.52 -8.52 13.98
CA MET B 84 27.39 -8.29 12.54
C MET B 84 28.60 -7.49 12.06
N ASN B 85 29.45 -8.12 11.26
CA ASN B 85 30.62 -7.47 10.70
C ASN B 85 30.40 -7.24 9.20
N SER B 86 31.24 -6.38 8.63
CA SER B 86 31.24 -6.08 7.19
C SER B 86 29.84 -5.74 6.70
N LEU B 87 29.19 -4.84 7.41
CA LEU B 87 27.82 -4.50 7.08
C LEU B 87 27.74 -3.79 5.74
N ARG B 88 26.60 -3.96 5.06
CA ARG B 88 26.35 -3.31 3.79
C ARG B 88 25.00 -2.62 3.85
N ALA B 89 24.78 -1.72 2.89
CA ALA B 89 23.56 -0.93 2.88
C ALA B 89 22.31 -1.81 2.90
N GLU B 90 22.35 -2.93 2.17
CA GLU B 90 21.22 -3.86 2.11
C GLU B 90 20.89 -4.49 3.46
N ASP B 91 21.79 -4.42 4.44
CA ASP B 91 21.48 -4.97 5.76
C ASP B 91 20.56 -4.06 6.56
N THR B 92 20.23 -2.88 6.01
CA THR B 92 19.38 -1.93 6.70
C THR B 92 17.97 -2.55 6.84
N ALA B 93 17.50 -2.65 8.08
CA ALA B 93 16.24 -3.34 8.38
C ALA B 93 15.95 -3.17 9.87
N VAL B 94 14.71 -3.51 10.25
CA VAL B 94 14.38 -3.81 11.63
C VAL B 94 14.81 -5.25 11.93
N TYR B 95 15.55 -5.47 13.01
CA TYR B 95 16.00 -6.80 13.40
C TYR B 95 15.22 -7.28 14.61
N TYR B 96 14.48 -8.38 14.46
CA TYR B 96 13.66 -8.96 15.53
C TYR B 96 14.38 -10.11 16.20
N CYS B 97 14.34 -10.12 17.52
CA CYS B 97 14.73 -11.28 18.31
C CYS B 97 13.47 -12.14 18.47
N ALA B 98 13.58 -13.45 18.21
CA ALA B 98 12.37 -14.26 18.13
C ALA B 98 12.57 -15.71 18.57
N SER B 99 11.62 -16.18 19.36
CA SER B 99 11.32 -17.59 19.49
C SER B 99 10.14 -17.87 18.57
N MET B 100 9.84 -19.15 18.36
CA MET B 100 8.82 -19.49 17.37
C MET B 100 7.49 -18.82 17.70
N ASP B 101 7.15 -18.77 18.99
CA ASP B 101 5.87 -18.25 19.45
C ASP B 101 5.92 -16.82 20.00
N TYR B 102 7.07 -16.15 19.99
CA TYR B 102 7.11 -14.78 20.51
C TYR B 102 8.25 -14.00 19.89
N TRP B 103 7.92 -12.81 19.36
CA TRP B 103 8.88 -11.89 18.74
C TRP B 103 8.95 -10.58 19.52
N GLY B 104 10.17 -10.12 19.78
CA GLY B 104 10.36 -8.78 20.29
C GLY B 104 10.00 -7.75 19.24
N GLN B 105 9.92 -6.49 19.66
CA GLN B 105 9.47 -5.43 18.75
C GLN B 105 10.54 -4.96 17.79
N GLY B 106 11.77 -5.45 17.93
CA GLY B 106 12.81 -5.23 16.95
C GLY B 106 13.64 -3.99 17.23
N THR B 107 14.82 -3.94 16.63
CA THR B 107 15.69 -2.78 16.72
C THR B 107 16.16 -2.40 15.32
N THR B 108 16.23 -1.11 15.04
CA THR B 108 16.52 -0.66 13.70
C THR B 108 18.02 -0.59 13.49
N VAL B 109 18.50 -1.14 12.37
CA VAL B 109 19.88 -0.98 11.92
C VAL B 109 19.87 -0.22 10.59
N THR B 110 20.65 0.87 10.52
CA THR B 110 20.74 1.70 9.31
C THR B 110 22.21 1.76 8.90
N VAL B 111 22.53 1.13 7.78
CA VAL B 111 23.90 1.08 7.29
C VAL B 111 23.97 2.08 6.16
N SER B 112 24.77 3.15 6.32
CA SER B 112 24.79 4.19 5.29
C SER B 112 26.08 5.02 5.39
N SER B 113 26.48 5.61 4.27
CA SER B 113 27.59 6.56 4.32
C SER B 113 27.15 7.96 4.69
N ALA B 114 25.84 8.23 4.68
CA ALA B 114 25.33 9.56 4.95
C ALA B 114 25.64 9.97 6.38
N SER B 115 25.78 11.27 6.57
CA SER B 115 25.91 11.93 7.85
C SER B 115 24.54 12.41 8.28
N THR B 116 24.31 12.41 9.59
CA THR B 116 23.03 12.90 10.09
C THR B 116 22.80 14.35 9.61
N LYS B 117 21.60 14.61 9.10
CA LYS B 117 21.29 15.91 8.49
C LYS B 117 19.80 16.22 8.65
N GLY B 118 19.45 17.38 9.17
CA GLY B 118 18.05 17.76 9.26
C GLY B 118 17.47 18.07 7.87
N PRO B 119 16.14 18.04 7.74
CA PRO B 119 15.51 18.24 6.43
C PRO B 119 15.41 19.69 6.01
N SER B 120 15.35 19.87 4.70
CA SER B 120 14.81 21.08 4.10
C SER B 120 13.32 20.88 3.93
N VAL B 121 12.55 21.95 4.15
CA VAL B 121 11.09 21.85 4.07
C VAL B 121 10.60 22.88 3.07
N PHE B 122 9.84 22.42 2.07
CA PHE B 122 9.34 23.27 1.00
C PHE B 122 7.82 23.22 0.97
N PRO B 123 7.15 24.32 0.65
CA PRO B 123 5.69 24.29 0.61
C PRO B 123 5.17 23.61 -0.64
N LEU B 124 4.03 22.95 -0.48
CA LEU B 124 3.23 22.42 -1.59
C LEU B 124 2.01 23.31 -1.64
N ALA B 125 2.10 24.37 -2.43
CA ALA B 125 1.10 25.40 -2.29
C ALA B 125 0.03 25.26 -3.35
N PRO B 126 -1.23 25.42 -2.99
CA PRO B 126 -2.29 25.55 -3.99
C PRO B 126 -2.30 26.97 -4.55
N SER B 127 -3.09 27.17 -5.60
CA SER B 127 -3.19 28.50 -6.19
C SER B 127 -4.65 28.77 -6.57
N SER B 128 -4.92 30.00 -7.03
CA SER B 128 -6.24 30.36 -7.52
C SER B 128 -6.58 29.57 -8.78
N LYS B 129 -5.66 29.55 -9.74
CA LYS B 129 -5.85 28.79 -10.97
C LYS B 129 -6.06 27.29 -10.66
N SER B 130 -5.19 26.71 -9.83
CA SER B 130 -5.17 25.27 -9.58
C SER B 130 -6.28 24.77 -8.64
N THR B 131 -6.95 25.66 -7.92
CA THR B 131 -8.00 25.27 -6.97
C THR B 131 -9.36 25.46 -7.61
N SER B 132 -10.02 24.34 -7.92
CA SER B 132 -11.38 24.36 -8.42
C SER B 132 -12.22 23.44 -7.55
N GLY B 133 -13.50 23.77 -7.43
CA GLY B 133 -14.36 23.00 -6.54
C GLY B 133 -14.19 23.42 -5.09
N GLY B 134 -14.83 22.65 -4.22
CA GLY B 134 -14.91 23.04 -2.83
C GLY B 134 -13.73 22.67 -1.98
N THR B 135 -12.83 21.82 -2.48
CA THR B 135 -11.74 21.27 -1.71
C THR B 135 -10.40 21.68 -2.31
N ALA B 136 -9.51 22.17 -1.46
CA ALA B 136 -8.15 22.50 -1.84
C ALA B 136 -7.20 21.55 -1.13
N ALA B 137 -6.06 21.27 -1.75
CA ALA B 137 -5.00 20.48 -1.13
C ALA B 137 -3.76 21.33 -1.01
N LEU B 138 -3.02 21.10 0.07
CA LEU B 138 -1.73 21.76 0.29
C LEU B 138 -0.86 20.84 1.13
N GLY B 139 0.41 21.19 1.27
CA GLY B 139 1.30 20.35 2.06
C GLY B 139 2.72 20.86 2.11
N CYS B 140 3.61 19.97 2.55
CA CYS B 140 5.03 20.24 2.74
C CYS B 140 5.85 19.09 2.16
N LEU B 141 6.87 19.43 1.40
CA LEU B 141 7.85 18.47 0.92
C LEU B 141 9.02 18.52 1.90
N VAL B 142 9.30 17.39 2.53
CA VAL B 142 10.31 17.27 3.57
C VAL B 142 11.47 16.50 2.93
N LYS B 143 12.55 17.19 2.60
CA LYS B 143 13.53 16.67 1.67
C LYS B 143 14.93 16.62 2.27
N ASP B 144 15.68 15.58 1.87
CA ASP B 144 17.12 15.47 2.07
C ASP B 144 17.52 15.40 3.54
N TYR B 145 16.88 14.50 4.28
CA TYR B 145 17.28 14.29 5.67
C TYR B 145 17.83 12.87 5.86
N PHE B 146 18.54 12.68 6.99
CA PHE B 146 19.11 11.39 7.37
C PHE B 146 19.37 11.37 8.87
N PRO B 147 19.05 10.29 9.58
CA PRO B 147 18.33 9.07 9.16
C PRO B 147 16.83 9.25 9.34
N GLU B 148 16.00 8.24 9.09
CA GLU B 148 14.61 8.28 9.55
C GLU B 148 14.57 8.30 11.07
N PRO B 149 13.46 8.78 11.66
CA PRO B 149 12.30 9.43 11.05
C PRO B 149 12.20 10.92 11.29
N VAL B 150 11.24 11.52 10.57
CA VAL B 150 10.71 12.83 10.88
C VAL B 150 9.26 12.62 11.31
N THR B 151 8.77 13.56 12.13
CA THR B 151 7.33 13.65 12.40
C THR B 151 6.84 14.97 11.84
N VAL B 152 5.62 14.96 11.29
CA VAL B 152 5.00 16.14 10.72
C VAL B 152 3.65 16.34 11.41
N SER B 153 3.45 17.49 12.00
CA SER B 153 2.14 17.87 12.49
C SER B 153 1.70 19.11 11.75
N TRP B 154 0.42 19.44 11.86
CA TRP B 154 -0.13 20.62 11.20
C TRP B 154 -0.73 21.55 12.24
N ASN B 155 -0.43 22.84 12.10
CA ASN B 155 -0.87 23.87 13.04
C ASN B 155 -0.70 23.38 14.48
N SER B 156 0.52 22.92 14.78
CA SER B 156 0.91 22.48 16.11
C SER B 156 -0.02 21.40 16.66
N GLY B 157 -0.58 20.58 15.76
CA GLY B 157 -1.43 19.48 16.17
C GLY B 157 -2.91 19.78 16.21
N ALA B 158 -3.30 21.03 15.90
CA ALA B 158 -4.71 21.38 15.88
C ALA B 158 -5.40 20.81 14.64
N LEU B 159 -4.74 20.88 13.49
CA LEU B 159 -5.26 20.35 12.23
C LEU B 159 -4.84 18.89 12.09
N THR B 160 -5.79 17.96 12.24
CA THR B 160 -5.53 16.54 12.02
C THR B 160 -6.45 15.93 10.97
N SER B 161 -7.64 16.46 10.77
CA SER B 161 -8.60 15.84 9.88
C SER B 161 -8.17 16.08 8.43
N GLY B 162 -8.06 15.00 7.66
CA GLY B 162 -7.68 15.09 6.28
C GLY B 162 -6.19 15.08 6.02
N VAL B 163 -5.37 14.81 7.04
CA VAL B 163 -3.92 14.85 6.91
C VAL B 163 -3.42 13.48 6.47
N HIS B 164 -2.55 13.46 5.46
CA HIS B 164 -1.87 12.24 5.03
C HIS B 164 -0.39 12.56 4.96
N THR B 165 0.41 11.81 5.71
CA THR B 165 1.86 11.89 5.61
C THR B 165 2.36 10.59 5.01
N PHE B 166 3.08 10.70 3.91
CA PHE B 166 3.49 9.51 3.17
C PHE B 166 4.73 8.87 3.81
N PRO B 167 4.93 7.57 3.60
CA PRO B 167 6.18 6.95 4.03
C PRO B 167 7.35 7.57 3.26
N ALA B 168 8.51 7.58 3.90
CA ALA B 168 9.68 8.20 3.28
C ALA B 168 10.23 7.31 2.18
N VAL B 169 10.93 7.94 1.23
CA VAL B 169 11.65 7.23 0.18
C VAL B 169 13.14 7.51 0.37
N LEU B 170 13.97 6.48 0.18
CA LEU B 170 15.42 6.66 0.15
C LEU B 170 15.85 7.05 -1.27
N GLN B 171 16.41 8.25 -1.42
CA GLN B 171 16.83 8.75 -2.72
C GLN B 171 18.23 8.23 -3.05
N SER B 172 18.60 8.34 -4.33
CA SER B 172 19.90 7.84 -4.76
C SER B 172 21.06 8.58 -4.10
N SER B 173 20.80 9.80 -3.62
CA SER B 173 21.77 10.54 -2.80
C SER B 173 22.07 9.87 -1.46
N GLY B 174 21.24 8.91 -1.03
CA GLY B 174 21.39 8.37 0.32
C GLY B 174 20.60 9.13 1.37
N LEU B 175 19.83 10.15 0.98
CA LEU B 175 19.03 10.96 1.88
C LEU B 175 17.56 10.63 1.67
N TYR B 176 16.76 10.78 2.73
CA TYR B 176 15.33 10.47 2.65
C TYR B 176 14.50 11.69 2.23
N SER B 177 13.29 11.41 1.76
CA SER B 177 12.34 12.44 1.35
C SER B 177 10.91 11.95 1.60
N LEU B 178 10.03 12.86 1.98
CA LEU B 178 8.59 12.58 2.01
C LEU B 178 7.81 13.87 1.89
N SER B 179 6.53 13.73 1.56
CA SER B 179 5.55 14.80 1.64
C SER B 179 4.48 14.52 2.69
N SER B 180 3.93 15.60 3.25
CA SER B 180 2.73 15.55 4.08
C SER B 180 1.71 16.50 3.48
N VAL B 181 0.47 16.06 3.33
CA VAL B 181 -0.55 16.88 2.68
C VAL B 181 -1.79 16.96 3.56
N VAL B 182 -2.65 17.91 3.24
CA VAL B 182 -3.96 18.03 3.88
C VAL B 182 -4.92 18.67 2.89
N THR B 183 -6.18 18.25 2.93
CA THR B 183 -7.25 18.89 2.18
C THR B 183 -8.09 19.71 3.13
N VAL B 184 -8.56 20.85 2.65
CA VAL B 184 -9.29 21.83 3.45
C VAL B 184 -10.37 22.44 2.56
N PRO B 185 -11.34 23.16 3.11
CA PRO B 185 -12.27 23.91 2.25
C PRO B 185 -11.54 24.96 1.43
N SER B 186 -11.91 25.04 0.15
CA SER B 186 -11.33 26.07 -0.73
C SER B 186 -11.50 27.46 -0.16
N SER B 187 -12.64 27.73 0.48
CA SER B 187 -12.88 29.08 1.02
C SER B 187 -11.98 29.40 2.20
N SER B 188 -11.41 28.38 2.87
CA SER B 188 -10.53 28.61 4.01
C SER B 188 -9.20 29.25 3.62
N LEU B 189 -8.81 29.17 2.35
CA LEU B 189 -7.48 29.58 1.92
C LEU B 189 -7.25 31.08 2.12
N THR B 193 -4.81 29.82 9.01
CA THR B 193 -3.45 29.58 8.51
C THR B 193 -3.02 28.14 8.61
N TYR B 194 -2.07 27.76 7.77
CA TYR B 194 -1.63 26.39 7.64
C TYR B 194 -0.11 26.36 7.71
N ILE B 195 0.41 25.73 8.76
CA ILE B 195 1.84 25.61 8.99
C ILE B 195 2.12 24.14 9.29
N CYS B 196 3.09 23.56 8.59
CA CYS B 196 3.54 22.21 8.92
C CYS B 196 4.71 22.28 9.89
N ASN B 197 4.67 21.45 10.92
CA ASN B 197 5.71 21.39 11.95
C ASN B 197 6.50 20.12 11.73
N VAL B 198 7.75 20.27 11.31
CA VAL B 198 8.59 19.13 10.93
C VAL B 198 9.62 18.96 12.03
N ASN B 199 9.64 17.79 12.65
CA ASN B 199 10.58 17.51 13.72
C ASN B 199 11.49 16.37 13.29
N HIS B 200 12.81 16.56 13.46
CA HIS B 200 13.78 15.53 13.12
C HIS B 200 14.68 15.36 14.35
N LYS B 201 14.24 14.48 15.25
CA LYS B 201 14.97 14.24 16.50
C LYS B 201 16.43 13.84 16.30
N PRO B 202 16.80 12.99 15.34
CA PRO B 202 18.22 12.63 15.22
C PRO B 202 19.15 13.83 15.00
N SER B 203 18.70 14.89 14.32
CA SER B 203 19.51 16.10 14.19
C SER B 203 19.17 17.16 15.24
N ASN B 204 18.19 16.87 16.13
CA ASN B 204 17.69 17.89 17.06
C ASN B 204 17.25 19.17 16.33
N THR B 205 16.65 19.03 15.14
CA THR B 205 16.17 20.19 14.40
C THR B 205 14.66 20.13 14.19
N LYS B 206 14.08 21.32 14.09
CA LYS B 206 12.65 21.50 13.97
C LYS B 206 12.41 22.65 13.02
N VAL B 207 11.50 22.48 12.06
CA VAL B 207 11.22 23.49 11.04
C VAL B 207 9.72 23.67 10.93
N ASP B 208 9.25 24.90 11.14
CA ASP B 208 7.88 25.30 10.85
C ASP B 208 7.87 26.04 9.52
N LYS B 209 7.00 25.61 8.60
CA LYS B 209 6.88 26.24 7.30
C LYS B 209 5.42 26.59 7.04
N LYS B 210 5.14 27.88 6.86
CA LYS B 210 3.80 28.31 6.49
C LYS B 210 3.61 28.06 5.01
N VAL B 211 2.48 27.46 4.65
CA VAL B 211 2.19 27.15 3.26
C VAL B 211 1.17 28.17 2.77
N GLU B 212 1.58 29.04 1.86
CA GLU B 212 0.76 30.16 1.40
C GLU B 212 0.21 29.91 0.01
N PRO B 213 -1.10 29.94 -0.18
CA PRO B 213 -1.65 29.94 -1.55
C PRO B 213 -1.20 31.19 -2.29
N LYS B 214 -0.92 31.03 -3.58
CA LYS B 214 -0.62 32.19 -4.43
C LYS B 214 -1.87 32.58 -5.24
N SER B 215 -1.99 33.88 -5.52
CA SER B 215 -3.16 34.42 -6.17
C SER B 215 -2.85 34.76 -7.61
N CYS B 216 -3.77 34.42 -8.50
CA CYS B 216 -3.63 34.69 -9.92
C CYS B 216 -4.74 35.62 -10.42
N VAL C 3 -12.54 -6.40 -30.91
CA VAL C 3 -13.52 -6.54 -29.83
C VAL C 3 -14.56 -5.41 -29.86
N GLN C 4 -15.81 -5.79 -29.65
CA GLN C 4 -16.95 -4.87 -29.64
C GLN C 4 -17.82 -5.21 -28.44
N LEU C 5 -18.61 -4.24 -27.99
CA LEU C 5 -19.52 -4.44 -26.87
C LEU C 5 -20.91 -3.95 -27.21
N GLN C 6 -21.90 -4.63 -26.65
CA GLN C 6 -23.30 -4.30 -26.87
C GLN C 6 -24.07 -4.55 -25.58
N GLU C 7 -24.60 -3.47 -25.01
CA GLU C 7 -25.46 -3.55 -23.84
C GLU C 7 -26.90 -3.77 -24.28
N SER C 8 -27.62 -4.56 -23.51
CA SER C 8 -29.04 -4.77 -23.75
C SER C 8 -29.72 -5.05 -22.42
N GLY C 9 -31.05 -4.95 -22.43
CA GLY C 9 -31.84 -5.16 -21.25
C GLY C 9 -32.37 -3.89 -20.64
N GLY C 10 -32.04 -2.74 -21.22
CA GLY C 10 -32.65 -1.51 -20.76
C GLY C 10 -34.13 -1.46 -21.09
N GLY C 11 -34.84 -0.58 -20.38
CA GLY C 11 -36.26 -0.45 -20.60
C GLY C 11 -36.89 0.48 -19.58
N LEU C 12 -38.21 0.53 -19.62
CA LEU C 12 -38.98 1.35 -18.69
C LEU C 12 -39.50 0.47 -17.57
N VAL C 13 -39.32 0.91 -16.33
CA VAL C 13 -39.72 0.15 -15.15
C VAL C 13 -40.23 1.14 -14.12
N GLN C 14 -41.18 0.69 -13.30
CA GLN C 14 -41.68 1.49 -12.19
C GLN C 14 -40.69 1.51 -11.03
N PRO C 15 -40.76 2.53 -10.17
CA PRO C 15 -39.90 2.54 -8.98
C PRO C 15 -40.12 1.28 -8.14
N GLY C 16 -39.02 0.73 -7.64
CA GLY C 16 -39.05 -0.54 -6.94
C GLY C 16 -38.88 -1.75 -7.83
N GLY C 17 -38.99 -1.58 -9.14
CA GLY C 17 -38.87 -2.69 -10.07
C GLY C 17 -37.43 -3.06 -10.34
N SER C 18 -37.27 -4.01 -11.27
CA SER C 18 -35.96 -4.58 -11.56
C SER C 18 -35.69 -4.55 -13.06
N LEU C 19 -34.41 -4.60 -13.41
CA LEU C 19 -33.95 -4.82 -14.77
C LEU C 19 -32.65 -5.60 -14.71
N ARG C 20 -32.41 -6.42 -15.73
CA ARG C 20 -31.17 -7.19 -15.82
C ARG C 20 -30.43 -6.76 -17.08
N LEU C 21 -29.33 -6.04 -16.91
CA LEU C 21 -28.51 -5.60 -18.03
C LEU C 21 -27.50 -6.68 -18.38
N SER C 22 -27.13 -6.73 -19.66
CA SER C 22 -26.12 -7.67 -20.12
C SER C 22 -25.20 -6.93 -21.07
N CYS C 23 -23.91 -7.16 -20.95
CA CYS C 23 -22.93 -6.61 -21.86
C CYS C 23 -22.21 -7.78 -22.51
N ALA C 24 -22.45 -7.98 -23.80
CA ALA C 24 -21.82 -9.04 -24.57
C ALA C 24 -20.62 -8.49 -25.33
N ALA C 25 -19.52 -9.24 -25.31
CA ALA C 25 -18.31 -8.88 -26.03
C ALA C 25 -18.14 -9.81 -27.22
N SER C 26 -18.30 -9.28 -28.42
CA SER C 26 -17.99 -9.99 -29.66
C SER C 26 -16.51 -9.84 -29.97
N GLY C 27 -15.84 -10.95 -30.31
CA GLY C 27 -14.45 -10.90 -30.67
C GLY C 27 -13.53 -11.65 -29.74
N ARG C 28 -12.45 -11.01 -29.30
CA ARG C 28 -11.50 -11.64 -28.40
C ARG C 28 -12.17 -11.98 -27.06
N THR C 29 -11.55 -12.93 -26.34
CA THR C 29 -12.10 -13.38 -25.07
C THR C 29 -11.67 -12.43 -23.94
N ILE C 30 -12.65 -12.03 -23.11
CA ILE C 30 -12.47 -10.99 -22.10
C ILE C 30 -12.22 -11.54 -20.71
N SER C 31 -12.12 -12.86 -20.53
CA SER C 31 -12.13 -13.42 -19.18
C SER C 31 -10.98 -12.92 -18.32
N SER C 32 -9.88 -12.47 -18.92
CA SER C 32 -8.76 -12.00 -18.13
C SER C 32 -8.81 -10.49 -17.82
N TYR C 33 -9.87 -9.79 -18.23
CA TYR C 33 -9.98 -8.36 -18.03
C TYR C 33 -11.19 -8.01 -17.17
N ALA C 34 -11.03 -6.97 -16.35
CA ALA C 34 -12.17 -6.48 -15.58
C ALA C 34 -13.17 -5.81 -16.49
N MET C 35 -14.44 -5.91 -16.14
CA MET C 35 -15.50 -5.23 -16.85
C MET C 35 -16.23 -4.30 -15.92
N SER C 36 -16.51 -3.10 -16.40
CA SER C 36 -17.08 -2.06 -15.57
C SER C 36 -18.35 -1.52 -16.20
N TRP C 37 -19.30 -1.16 -15.36
CA TRP C 37 -20.51 -0.47 -15.77
C TRP C 37 -20.41 0.98 -15.36
N PHE C 38 -20.82 1.88 -16.27
CA PHE C 38 -20.96 3.32 -16.03
C PHE C 38 -22.36 3.74 -16.47
N ARG C 39 -22.83 4.88 -15.96
CA ARG C 39 -24.10 5.41 -16.40
C ARG C 39 -23.99 6.92 -16.61
N GLN C 40 -24.81 7.43 -17.53
CA GLN C 40 -24.81 8.85 -17.88
C GLN C 40 -26.25 9.31 -18.00
N ALA C 41 -26.71 10.08 -17.03
CA ALA C 41 -28.01 10.73 -17.10
C ALA C 41 -27.92 11.95 -18.00
N PRO C 42 -29.06 12.43 -18.52
CA PRO C 42 -29.01 13.60 -19.41
C PRO C 42 -28.43 14.82 -18.69
N GLY C 43 -27.42 15.42 -19.30
CA GLY C 43 -26.80 16.61 -18.77
C GLY C 43 -26.05 16.45 -17.47
N LYS C 44 -25.57 15.23 -17.18
CA LYS C 44 -24.71 14.99 -16.04
C LYS C 44 -23.51 14.17 -16.48
N GLU C 45 -22.43 14.27 -15.71
CA GLU C 45 -21.19 13.56 -16.03
C GLU C 45 -21.40 12.05 -16.00
N ARG C 46 -20.60 11.35 -16.82
CA ARG C 46 -20.58 9.89 -16.82
C ARG C 46 -19.96 9.38 -15.52
N GLU C 47 -20.64 8.45 -14.84
CA GLU C 47 -20.29 8.07 -13.47
C GLU C 47 -20.18 6.56 -13.30
N PHE C 48 -19.34 6.16 -12.36
CA PHE C 48 -19.04 4.76 -12.10
C PHE C 48 -20.23 4.07 -11.46
N VAL C 49 -20.49 2.84 -11.89
CA VAL C 49 -21.53 1.99 -11.26
C VAL C 49 -20.91 0.79 -10.56
N ALA C 50 -20.18 -0.05 -11.29
CA ALA C 50 -19.74 -1.33 -10.74
C ALA C 50 -18.58 -1.86 -11.56
N THR C 51 -17.81 -2.76 -10.95
CA THR C 51 -16.79 -3.51 -11.68
C THR C 51 -16.79 -4.95 -11.22
N ALA C 52 -16.72 -5.85 -12.20
CA ALA C 52 -16.45 -7.27 -11.98
C ALA C 52 -15.02 -7.51 -12.45
N ARG C 53 -14.12 -7.82 -11.53
CA ARG C 53 -12.74 -8.12 -11.87
C ARG C 53 -12.72 -9.56 -12.38
N ARG C 54 -11.53 -10.13 -12.61
CA ARG C 54 -11.49 -11.55 -12.96
C ARG C 54 -12.18 -12.36 -11.86
N SER C 55 -12.72 -13.52 -12.22
CA SER C 55 -13.38 -14.36 -11.24
C SER C 55 -12.42 -14.67 -10.10
N GLY C 56 -12.87 -14.45 -8.86
CA GLY C 56 -12.01 -14.61 -7.70
C GLY C 56 -11.40 -13.30 -7.22
N ASP C 57 -11.33 -12.29 -8.08
CA ASP C 57 -10.74 -11.02 -7.72
C ASP C 57 -11.74 -10.02 -7.16
N GLY C 58 -13.04 -10.32 -7.18
CA GLY C 58 -13.99 -9.52 -6.43
C GLY C 58 -14.76 -8.52 -7.28
N ALA C 59 -15.91 -8.11 -6.74
CA ALA C 59 -16.80 -7.13 -7.37
C ALA C 59 -16.82 -5.85 -6.56
N PHE C 60 -16.77 -4.70 -7.22
CA PHE C 60 -16.71 -3.44 -6.50
C PHE C 60 -17.81 -2.51 -7.02
N TYR C 61 -18.35 -1.69 -6.12
CA TYR C 61 -19.58 -0.94 -6.39
C TYR C 61 -19.44 0.53 -5.99
N ALA C 62 -20.18 1.39 -6.69
CA ALA C 62 -20.35 2.77 -6.24
C ALA C 62 -21.31 2.86 -5.05
N ASP C 63 -21.19 3.97 -4.33
CA ASP C 63 -22.03 4.25 -3.16
C ASP C 63 -23.51 4.23 -3.53
N SER C 64 -23.85 4.76 -4.69
CA SER C 64 -25.24 4.96 -5.05
C SER C 64 -25.98 3.64 -5.30
N VAL C 65 -25.26 2.60 -5.69
CA VAL C 65 -25.88 1.35 -6.11
C VAL C 65 -25.56 0.20 -5.18
N GLN C 66 -24.82 0.47 -4.11
CA GLN C 66 -24.42 -0.59 -3.19
C GLN C 66 -25.64 -1.22 -2.53
N GLY C 67 -25.71 -2.54 -2.58
CA GLY C 67 -26.81 -3.29 -2.01
C GLY C 67 -27.95 -3.55 -2.97
N ARG C 68 -28.10 -2.75 -4.02
CA ARG C 68 -29.21 -2.92 -4.95
C ARG C 68 -28.78 -3.58 -6.25
N PHE C 69 -27.58 -3.27 -6.75
CA PHE C 69 -27.09 -3.84 -8.00
C PHE C 69 -26.08 -4.93 -7.70
N THR C 70 -26.07 -5.97 -8.53
CA THR C 70 -25.08 -7.02 -8.45
C THR C 70 -24.50 -7.19 -9.85
N VAL C 71 -23.19 -7.09 -9.96
CA VAL C 71 -22.49 -7.35 -11.21
C VAL C 71 -21.92 -8.77 -11.14
N SER C 72 -21.98 -9.48 -12.25
CA SER C 72 -21.49 -10.85 -12.33
C SER C 72 -21.07 -11.11 -13.76
N ARG C 73 -20.31 -12.21 -13.96
CA ARG C 73 -19.82 -12.54 -15.31
C ARG C 73 -20.08 -14.00 -15.66
N ASP C 74 -20.21 -14.24 -16.96
CA ASP C 74 -20.25 -15.56 -17.56
C ASP C 74 -19.12 -15.64 -18.59
N ASN C 75 -17.97 -16.17 -18.17
CA ASN C 75 -16.85 -16.34 -19.09
C ASN C 75 -17.22 -17.19 -20.31
N ALA C 76 -18.00 -18.26 -20.11
CA ALA C 76 -18.38 -19.09 -21.26
C ALA C 76 -19.12 -18.29 -22.32
N LYS C 77 -19.87 -17.26 -21.93
CA LYS C 77 -20.62 -16.44 -22.86
C LYS C 77 -19.94 -15.11 -23.18
N ASN C 78 -18.74 -14.84 -22.64
CA ASN C 78 -18.03 -13.58 -22.90
C ASN C 78 -18.90 -12.37 -22.56
N THR C 79 -19.64 -12.49 -21.44
CA THR C 79 -20.70 -11.55 -21.09
C THR C 79 -20.58 -11.17 -19.62
N VAL C 80 -20.97 -9.93 -19.30
CA VAL C 80 -21.07 -9.44 -17.94
C VAL C 80 -22.50 -8.95 -17.72
N TYR C 81 -23.01 -9.17 -16.51
CA TYR C 81 -24.38 -8.86 -16.20
C TYR C 81 -24.41 -7.84 -15.07
N LEU C 82 -25.40 -6.95 -15.13
CA LEU C 82 -25.70 -6.02 -14.05
C LEU C 82 -27.15 -6.24 -13.63
N GLN C 83 -27.35 -6.93 -12.52
CA GLN C 83 -28.69 -7.14 -12.00
C GLN C 83 -29.07 -5.93 -11.16
N MET C 84 -30.10 -5.20 -11.58
CA MET C 84 -30.50 -3.97 -10.90
C MET C 84 -31.85 -4.17 -10.21
N ASN C 85 -31.82 -4.25 -8.89
CA ASN C 85 -33.03 -4.38 -8.10
C ASN C 85 -33.32 -3.05 -7.39
N SER C 86 -34.55 -2.92 -6.89
CA SER C 86 -34.97 -1.73 -6.12
C SER C 86 -34.65 -0.44 -6.88
N LEU C 87 -35.00 -0.42 -8.16
CA LEU C 87 -34.70 0.72 -9.00
C LEU C 87 -35.36 1.99 -8.48
N LYS C 88 -34.67 3.12 -8.62
CA LYS C 88 -35.11 4.43 -8.20
C LYS C 88 -35.20 5.36 -9.40
N PRO C 89 -36.04 6.41 -9.33
CA PRO C 89 -36.09 7.37 -10.45
C PRO C 89 -34.72 7.94 -10.78
N GLU C 90 -33.88 8.18 -9.77
CA GLU C 90 -32.53 8.69 -9.96
C GLU C 90 -31.61 7.70 -10.69
N ASP C 91 -32.04 6.45 -10.86
CA ASP C 91 -31.25 5.48 -11.62
C ASP C 91 -31.40 5.67 -13.13
N THR C 92 -32.42 6.41 -13.58
CA THR C 92 -32.57 6.75 -14.99
C THR C 92 -31.27 7.28 -15.57
N ALA C 93 -30.75 6.61 -16.59
CA ALA C 93 -29.54 7.01 -17.31
C ALA C 93 -29.36 6.03 -18.46
N VAL C 94 -28.45 6.39 -19.37
CA VAL C 94 -27.90 5.41 -20.31
C VAL C 94 -26.76 4.68 -19.59
N TYR C 95 -26.76 3.36 -19.69
CA TYR C 95 -25.81 2.51 -18.99
C TYR C 95 -24.82 1.92 -19.98
N TYR C 96 -23.54 2.06 -19.68
CA TYR C 96 -22.47 1.61 -20.55
C TYR C 96 -21.58 0.58 -19.84
N CYS C 97 -21.05 -0.37 -20.61
CA CYS C 97 -19.99 -1.25 -20.11
C CYS C 97 -18.69 -0.91 -20.82
N ALA C 98 -17.58 -1.23 -20.14
CA ALA C 98 -16.25 -0.99 -20.69
C ALA C 98 -15.29 -2.06 -20.16
N ILE C 99 -14.33 -2.47 -20.99
CA ILE C 99 -13.23 -3.31 -20.54
C ILE C 99 -12.17 -2.41 -19.94
N ASP C 100 -11.56 -2.88 -18.85
CA ASP C 100 -10.28 -2.35 -18.40
C ASP C 100 -9.21 -3.14 -19.15
N SER C 101 -8.57 -2.51 -20.13
CA SER C 101 -7.52 -3.18 -20.90
C SER C 101 -6.30 -3.54 -20.08
N ASP C 102 -6.15 -2.97 -18.89
CA ASP C 102 -5.03 -3.27 -18.01
C ASP C 102 -5.38 -4.48 -17.14
N THR C 103 -4.58 -5.54 -17.29
CA THR C 103 -4.72 -6.75 -16.47
C THR C 103 -4.49 -6.46 -15.00
N PHE C 104 -3.74 -5.41 -14.69
CA PHE C 104 -3.44 -5.05 -13.31
C PHE C 104 -4.48 -4.09 -12.71
N TYR C 105 -5.58 -3.83 -13.43
CA TYR C 105 -6.76 -3.14 -12.90
C TYR C 105 -6.64 -1.63 -12.67
N SER C 106 -5.75 -0.96 -13.38
CA SER C 106 -5.61 0.48 -13.14
C SER C 106 -6.65 1.33 -13.88
N GLY C 107 -7.57 0.73 -14.62
CA GLY C 107 -8.65 1.51 -15.23
C GLY C 107 -8.37 2.09 -16.61
N SER C 108 -7.87 1.26 -17.52
CA SER C 108 -7.61 1.69 -18.89
C SER C 108 -8.79 1.29 -19.77
N TYR C 109 -9.83 2.14 -19.75
CA TYR C 109 -11.10 1.89 -20.46
C TYR C 109 -11.01 2.36 -21.91
N ASP C 110 -10.44 1.52 -22.77
CA ASP C 110 -10.36 1.86 -24.19
C ASP C 110 -11.60 1.46 -24.97
N TYR C 111 -12.17 0.31 -24.66
CA TYR C 111 -13.27 -0.25 -25.42
C TYR C 111 -14.58 -0.03 -24.66
N TRP C 112 -15.55 0.60 -25.32
CA TRP C 112 -16.84 0.93 -24.73
C TRP C 112 -17.97 0.38 -25.59
N GLY C 113 -19.08 0.03 -24.94
CA GLY C 113 -20.30 -0.28 -25.65
C GLY C 113 -21.11 0.98 -25.96
N GLN C 114 -22.16 0.79 -26.73
CA GLN C 114 -22.94 1.93 -27.22
C GLN C 114 -23.96 2.44 -26.21
N GLY C 115 -24.34 1.64 -25.22
CA GLY C 115 -25.23 2.12 -24.18
C GLY C 115 -26.63 1.52 -24.33
N THR C 116 -27.28 1.31 -23.18
CA THR C 116 -28.68 0.93 -23.14
C THR C 116 -29.44 1.85 -22.20
N GLN C 117 -30.63 2.28 -22.62
CA GLN C 117 -31.38 3.26 -21.85
C GLN C 117 -32.13 2.61 -20.70
N VAL C 118 -32.02 3.20 -19.51
CA VAL C 118 -32.78 2.80 -18.34
C VAL C 118 -33.59 4.00 -17.87
N THR C 119 -34.90 3.80 -17.71
CA THR C 119 -35.82 4.85 -17.28
C THR C 119 -36.71 4.30 -16.18
N VAL C 120 -36.70 4.94 -15.02
CA VAL C 120 -37.52 4.53 -13.88
C VAL C 120 -38.53 5.64 -13.61
N SER C 121 -39.82 5.32 -13.69
CA SER C 121 -40.86 6.33 -13.55
C SER C 121 -42.20 5.64 -13.36
N SER C 122 -43.14 6.35 -12.72
CA SER C 122 -44.48 5.82 -12.50
C SER C 122 -45.24 5.59 -13.81
#